data_6SSB
#
_entry.id   6SSB
#
_cell.length_a   40.100
_cell.length_b   85.450
_cell.length_c   90.570
_cell.angle_alpha   90.000
_cell.angle_beta   90.000
_cell.angle_gamma   90.000
#
_symmetry.space_group_name_H-M   'P 21 21 21'
#
loop_
_entity.id
_entity.type
_entity.pdbx_description
1 polymer 'Tyrosine-protein kinase SYK'
2 non-polymer ~{N}-[4-[5-[(dimethylamino)methyl]-1-methyl-pyrazol-3-yl]pyrimidin-2-yl]-3-methyl-1-(5-methyl-1,3,4-oxadiazol-2-yl)imidazo[1,5-a]pyridin-7-amine
3 water water
#
_entity_poly.entity_id   1
_entity_poly.type   'polypeptide(L)'
_entity_poly.pdbx_seq_one_letter_code
;MDTEVYESPYADPEEIRPKEVYLDRKLLTLEDKELGSGNFGTVKKGYYQMKKVVKTVAVKILKNEANDPALKDELLAEAN
VMQQLDNPYIVRMIGICEAESWMLVMEMAELGPLNKYLQQNRHVKDKNIIELVHQVSMGMKYLEESNFVHRDLAARNVLL
VTQHYAKISDFGLSKALRADENYYKAQTHGKWPVKWYAPECINYYKFSSKSDVWSFGVLMWEAFSYGQKPYRGMKGSEVT
AMLEKGERMGCPAGCPREMYDLMNLCWTYDVENRPGFAAVELRLRNYYYDVVNHHHHHH
;
_entity_poly.pdbx_strand_id   A
#
loop_
_chem_comp.id
_chem_comp.type
_chem_comp.name
_chem_comp.formula
LUE non-polymer ~{N}-[4-[5-[(dimethylamino)methyl]-1-methyl-pyrazol-3-yl]pyrimidin-2-yl]-3-methyl-1-(5-methyl-1,3,4-oxadiazol-2-yl)imidazo[1,5-a]pyridin-7-amine 'C22 H24 N10 O'
#
# COMPACT_ATOMS: atom_id res chain seq x y z
N VAL A 21 11.54 -20.24 -5.85
CA VAL A 21 10.23 -19.78 -6.32
C VAL A 21 9.15 -20.77 -5.86
N TYR A 22 9.28 -22.05 -6.27
CA TYR A 22 8.33 -23.10 -5.95
C TYR A 22 8.65 -23.78 -4.64
N LEU A 23 7.67 -23.79 -3.72
CA LEU A 23 7.85 -24.37 -2.39
C LEU A 23 7.30 -25.78 -2.27
N ASP A 24 7.81 -26.51 -1.27
CA ASP A 24 7.46 -27.87 -0.95
C ASP A 24 6.23 -27.82 -0.02
N ARG A 25 5.07 -28.35 -0.49
CA ARG A 25 3.82 -28.41 0.27
C ARG A 25 3.96 -29.18 1.59
N LYS A 26 4.85 -30.20 1.62
CA LYS A 26 5.15 -31.00 2.81
C LYS A 26 5.78 -30.16 3.95
N LEU A 27 6.49 -29.06 3.59
CA LEU A 27 7.13 -28.13 4.53
C LEU A 27 6.17 -27.02 5.00
N LEU A 28 4.97 -26.93 4.39
CA LEU A 28 3.97 -25.92 4.71
C LEU A 28 2.82 -26.47 5.54
N THR A 29 2.56 -25.82 6.68
CA THR A 29 1.46 -26.12 7.60
C THR A 29 0.53 -24.90 7.64
N LEU A 30 -0.75 -25.08 7.26
CA LEU A 30 -1.76 -24.02 7.27
C LEU A 30 -2.70 -24.13 8.47
N GLU A 31 -3.06 -22.98 9.07
CA GLU A 31 -4.00 -22.90 10.19
C GLU A 31 -5.43 -22.96 9.64
N ASP A 32 -6.36 -23.58 10.38
CA ASP A 32 -7.78 -23.72 10.01
C ASP A 32 -8.47 -22.36 9.92
N LYS A 33 -8.21 -21.48 10.93
CA LYS A 33 -8.78 -20.13 11.02
C LYS A 33 -8.14 -19.18 9.99
N GLU A 34 -9.00 -18.52 9.18
CA GLU A 34 -8.56 -17.57 8.17
C GLU A 34 -8.37 -16.16 8.74
N LEU A 35 -7.26 -15.51 8.35
CA LEU A 35 -6.87 -14.15 8.78
C LEU A 35 -7.79 -13.08 8.20
N GLY A 36 -7.99 -13.14 6.88
CA GLY A 36 -8.85 -12.25 6.09
C GLY A 36 -9.53 -12.97 4.95
N SER A 37 -10.35 -12.23 4.17
CA SER A 37 -11.09 -12.73 3.01
C SER A 37 -11.46 -11.58 2.08
N GLY A 38 -11.60 -11.87 0.79
CA GLY A 38 -11.96 -10.89 -0.23
C GLY A 38 -12.18 -11.47 -1.61
N ASN A 39 -11.93 -10.64 -2.66
CA ASN A 39 -12.09 -11.00 -4.07
C ASN A 39 -11.21 -12.20 -4.45
N PHE A 40 -9.94 -12.19 -3.98
CA PHE A 40 -8.90 -13.20 -4.20
C PHE A 40 -9.29 -14.62 -3.75
N GLY A 41 -9.82 -14.70 -2.53
CA GLY A 41 -10.24 -15.95 -1.91
C GLY A 41 -10.11 -15.86 -0.40
N THR A 42 -8.89 -16.10 0.12
CA THR A 42 -8.60 -16.06 1.55
C THR A 42 -7.10 -15.86 1.85
N VAL A 43 -6.81 -15.36 3.07
CA VAL A 43 -5.45 -15.19 3.60
C VAL A 43 -5.43 -16.01 4.87
N LYS A 44 -4.53 -16.99 4.95
CA LYS A 44 -4.42 -17.85 6.14
C LYS A 44 -3.01 -17.83 6.70
N LYS A 45 -2.89 -17.91 8.03
CA LYS A 45 -1.62 -18.01 8.73
C LYS A 45 -1.08 -19.43 8.51
N GLY A 46 0.24 -19.54 8.43
CA GLY A 46 0.93 -20.81 8.25
C GLY A 46 2.33 -20.81 8.81
N TYR A 47 3.02 -21.94 8.62
CA TYR A 47 4.39 -22.15 9.07
C TYR A 47 5.15 -22.90 7.98
N TYR A 48 6.32 -22.37 7.61
CA TYR A 48 7.20 -22.97 6.60
C TYR A 48 8.55 -23.35 7.21
N GLN A 49 8.91 -24.65 7.15
CA GLN A 49 10.19 -25.18 7.64
C GLN A 49 11.33 -24.66 6.79
N MET A 50 12.08 -23.68 7.35
CA MET A 50 13.18 -23.01 6.69
C MET A 50 14.50 -23.77 6.93
N LYS A 51 15.65 -23.19 6.51
CA LYS A 51 17.03 -23.72 6.61
C LYS A 51 17.36 -24.44 7.93
N LYS A 52 16.83 -23.94 9.08
CA LYS A 52 17.03 -24.54 10.42
C LYS A 52 15.88 -24.14 11.37
N VAL A 53 15.33 -22.95 11.15
CA VAL A 53 14.22 -22.36 11.91
C VAL A 53 12.88 -22.63 11.21
N VAL A 54 11.76 -22.33 11.89
CA VAL A 54 10.43 -22.41 11.31
C VAL A 54 9.95 -20.96 11.16
N LYS A 55 9.41 -20.62 9.98
CA LYS A 55 8.98 -19.27 9.67
C LYS A 55 7.45 -19.17 9.58
N THR A 56 6.86 -18.26 10.39
CA THR A 56 5.42 -17.94 10.38
C THR A 56 5.17 -17.15 9.10
N VAL A 57 4.14 -17.55 8.36
CA VAL A 57 3.84 -16.98 7.05
C VAL A 57 2.38 -16.63 6.89
N ALA A 58 2.10 -15.69 5.97
CA ALA A 58 0.75 -15.35 5.59
C ALA A 58 0.61 -15.93 4.21
N VAL A 59 -0.45 -16.70 3.98
CA VAL A 59 -0.66 -17.41 2.72
C VAL A 59 -1.92 -16.95 2.01
N LYS A 60 -1.76 -16.40 0.81
CA LYS A 60 -2.90 -16.02 -0.01
C LYS A 60 -3.27 -17.26 -0.81
N ILE A 61 -4.51 -17.74 -0.59
CA ILE A 61 -5.06 -18.94 -1.23
C ILE A 61 -6.14 -18.54 -2.25
N LEU A 62 -5.93 -18.93 -3.52
CA LEU A 62 -6.85 -18.61 -4.62
C LEU A 62 -8.23 -19.30 -4.50
N LYS A 63 -8.26 -20.66 -4.51
CA LYS A 63 -9.43 -21.54 -4.43
C LYS A 63 -10.33 -21.49 -5.68
N LEU A 71 -7.42 -15.89 -13.08
CA LEU A 71 -7.14 -15.79 -11.65
C LEU A 71 -5.76 -16.34 -11.26
N LYS A 72 -5.36 -17.50 -11.82
CA LYS A 72 -4.06 -18.13 -11.59
C LYS A 72 -2.96 -17.30 -12.24
N ASP A 73 -3.25 -16.70 -13.41
CA ASP A 73 -2.34 -15.83 -14.15
C ASP A 73 -2.06 -14.52 -13.38
N GLU A 74 -3.07 -14.01 -12.67
CA GLU A 74 -2.97 -12.80 -11.83
C GLU A 74 -2.10 -13.09 -10.59
N LEU A 75 -2.25 -14.29 -9.99
CA LEU A 75 -1.44 -14.71 -8.83
C LEU A 75 0.02 -14.88 -9.24
N LEU A 76 0.27 -15.53 -10.41
CA LEU A 76 1.62 -15.74 -10.95
C LEU A 76 2.34 -14.42 -11.26
N ALA A 77 1.62 -13.47 -11.90
CA ALA A 77 2.15 -12.13 -12.22
C ALA A 77 2.46 -11.34 -10.95
N GLU A 78 1.57 -11.43 -9.91
CA GLU A 78 1.75 -10.80 -8.59
C GLU A 78 3.03 -11.34 -7.93
N ALA A 79 3.24 -12.68 -8.01
CA ALA A 79 4.44 -13.36 -7.50
C ALA A 79 5.67 -12.95 -8.31
N ASN A 80 5.53 -12.80 -9.64
CA ASN A 80 6.61 -12.35 -10.54
C ASN A 80 7.10 -10.93 -10.18
N VAL A 81 6.17 -10.02 -9.78
CA VAL A 81 6.50 -8.66 -9.35
C VAL A 81 7.27 -8.72 -8.01
N MET A 82 6.70 -9.40 -6.99
CA MET A 82 7.25 -9.52 -5.63
C MET A 82 8.61 -10.17 -5.60
N GLN A 83 8.89 -11.10 -6.54
CA GLN A 83 10.17 -11.79 -6.70
C GLN A 83 11.30 -10.83 -7.09
N GLN A 84 10.97 -9.67 -7.67
CA GLN A 84 11.90 -8.65 -8.15
C GLN A 84 12.18 -7.56 -7.13
N LEU A 85 11.31 -7.42 -6.11
CA LEU A 85 11.41 -6.36 -5.11
C LEU A 85 12.20 -6.76 -3.86
N ASP A 86 13.15 -5.91 -3.46
CA ASP A 86 14.02 -6.12 -2.30
C ASP A 86 14.14 -4.84 -1.45
N ASN A 87 13.24 -4.70 -0.45
CA ASN A 87 13.20 -3.50 0.40
C ASN A 87 12.57 -3.79 1.76
N PRO A 88 13.12 -3.21 2.87
CA PRO A 88 12.52 -3.46 4.19
C PRO A 88 11.03 -3.08 4.35
N TYR A 89 10.56 -2.09 3.58
CA TYR A 89 9.20 -1.55 3.66
C TYR A 89 8.25 -2.15 2.63
N ILE A 90 8.59 -3.34 2.11
CA ILE A 90 7.74 -4.10 1.21
C ILE A 90 7.63 -5.54 1.73
N VAL A 91 6.41 -6.12 1.72
CA VAL A 91 6.17 -7.51 2.14
C VAL A 91 6.95 -8.48 1.22
N ARG A 92 7.79 -9.34 1.83
CA ARG A 92 8.61 -10.33 1.13
C ARG A 92 7.83 -11.58 0.81
N MET A 93 7.93 -12.02 -0.44
CA MET A 93 7.32 -13.28 -0.87
C MET A 93 8.31 -14.41 -0.58
N ILE A 94 7.86 -15.49 0.09
CA ILE A 94 8.69 -16.66 0.39
C ILE A 94 8.72 -17.51 -0.87
N GLY A 95 7.55 -17.71 -1.47
CA GLY A 95 7.43 -18.44 -2.72
C GLY A 95 6.00 -18.72 -3.08
N ILE A 96 5.81 -19.63 -4.06
CA ILE A 96 4.50 -20.07 -4.55
C ILE A 96 4.37 -21.57 -4.39
N CYS A 97 3.12 -22.07 -4.33
CA CYS A 97 2.86 -23.48 -4.11
C CYS A 97 1.56 -23.92 -4.79
N GLU A 98 1.61 -25.02 -5.54
CA GLU A 98 0.44 -25.57 -6.21
C GLU A 98 -0.05 -26.88 -5.56
N ALA A 99 -1.12 -26.75 -4.76
CA ALA A 99 -1.76 -27.87 -4.07
C ALA A 99 -3.25 -27.86 -4.42
N GLU A 100 -4.15 -27.99 -3.41
CA GLU A 100 -5.61 -28.00 -3.60
C GLU A 100 -6.03 -26.74 -4.36
N SER A 101 -5.34 -25.63 -4.07
CA SER A 101 -5.47 -24.32 -4.68
C SER A 101 -4.06 -23.75 -4.91
N TRP A 102 -3.96 -22.69 -5.72
CA TRP A 102 -2.71 -21.97 -5.93
C TRP A 102 -2.49 -21.10 -4.69
N MET A 103 -1.26 -21.08 -4.18
CA MET A 103 -0.90 -20.35 -2.94
C MET A 103 0.28 -19.41 -3.12
N LEU A 104 0.17 -18.19 -2.55
CA LEU A 104 1.23 -17.21 -2.53
C LEU A 104 1.65 -17.07 -1.06
N VAL A 105 2.88 -17.50 -0.75
CA VAL A 105 3.40 -17.54 0.63
C VAL A 105 4.25 -16.32 0.90
N MET A 106 3.88 -15.55 1.94
CA MET A 106 4.58 -14.30 2.24
C MET A 106 5.07 -14.28 3.65
N GLU A 107 6.00 -13.37 3.95
CA GLU A 107 6.51 -13.16 5.32
C GLU A 107 5.32 -12.56 6.10
N MET A 108 5.14 -12.93 7.37
CA MET A 108 3.99 -12.47 8.17
C MET A 108 4.21 -11.09 8.78
N ALA A 109 3.21 -10.22 8.68
CA ALA A 109 3.21 -8.93 9.36
C ALA A 109 2.05 -9.08 10.36
N GLU A 110 2.42 -9.41 11.59
CA GLU A 110 1.53 -9.82 12.67
C GLU A 110 0.39 -8.87 13.04
N LEU A 111 0.60 -7.55 12.99
CA LEU A 111 -0.42 -6.58 13.45
C LEU A 111 -1.51 -6.27 12.41
N GLY A 112 -1.32 -6.75 11.19
CA GLY A 112 -2.32 -6.60 10.13
C GLY A 112 -2.47 -5.23 9.52
N PRO A 113 -3.55 -5.06 8.74
CA PRO A 113 -3.77 -3.78 8.02
C PRO A 113 -3.77 -2.51 8.89
N LEU A 114 -3.09 -1.46 8.39
CA LEU A 114 -2.95 -0.16 9.03
C LEU A 114 -4.30 0.48 9.39
N ASN A 115 -5.28 0.45 8.47
CA ASN A 115 -6.59 1.05 8.71
C ASN A 115 -7.32 0.39 9.89
N LYS A 116 -7.40 -0.97 9.90
CA LYS A 116 -8.02 -1.75 10.95
C LYS A 116 -7.26 -1.55 12.27
N TYR A 117 -5.91 -1.45 12.23
CA TYR A 117 -5.13 -1.25 13.46
C TYR A 117 -5.47 0.07 14.16
N LEU A 118 -5.46 1.18 13.40
CA LEU A 118 -5.74 2.54 13.90
C LEU A 118 -7.17 2.74 14.36
N GLN A 119 -8.14 2.01 13.74
CA GLN A 119 -9.55 2.03 14.16
C GLN A 119 -9.67 1.46 15.59
N GLN A 120 -8.88 0.38 15.86
CA GLN A 120 -8.84 -0.36 17.12
C GLN A 120 -7.90 0.26 18.16
N ASN A 121 -6.98 1.14 17.75
CA ASN A 121 -5.97 1.76 18.61
C ASN A 121 -5.97 3.26 18.32
N ARG A 122 -7.05 3.93 18.77
CA ARG A 122 -7.29 5.35 18.52
C ARG A 122 -6.38 6.32 19.32
N HIS A 123 -5.58 5.78 20.26
CA HIS A 123 -4.64 6.51 21.11
C HIS A 123 -3.17 6.45 20.61
N VAL A 124 -2.92 5.91 19.39
CA VAL A 124 -1.60 5.89 18.74
C VAL A 124 -1.22 7.39 18.55
N LYS A 125 -0.01 7.78 18.94
CA LYS A 125 0.46 9.17 18.87
C LYS A 125 0.68 9.65 17.44
N ASP A 126 0.58 10.97 17.26
CA ASP A 126 0.79 11.64 15.99
C ASP A 126 2.20 11.37 15.42
N LYS A 127 3.25 11.39 16.27
CA LYS A 127 4.64 11.11 15.92
C LYS A 127 4.79 9.69 15.33
N ASN A 128 4.01 8.71 15.88
CA ASN A 128 4.02 7.32 15.44
C ASN A 128 3.33 7.18 14.08
N ILE A 129 2.27 7.97 13.82
CA ILE A 129 1.59 7.98 12.51
C ILE A 129 2.55 8.55 11.48
N ILE A 130 3.21 9.72 11.77
CA ILE A 130 4.23 10.29 10.87
C ILE A 130 5.28 9.22 10.51
N GLU A 131 5.84 8.56 11.56
CA GLU A 131 6.82 7.49 11.45
C GLU A 131 6.38 6.38 10.47
N LEU A 132 5.13 5.91 10.62
CA LEU A 132 4.58 4.86 9.78
C LEU A 132 4.36 5.27 8.32
N VAL A 133 3.80 6.49 8.06
CA VAL A 133 3.58 6.98 6.68
C VAL A 133 4.96 7.26 6.01
N HIS A 134 5.97 7.69 6.81
CA HIS A 134 7.32 7.87 6.29
C HIS A 134 7.91 6.52 5.78
N GLN A 135 7.64 5.42 6.47
CA GLN A 135 8.09 4.10 6.08
C GLN A 135 7.50 3.70 4.75
N VAL A 136 6.20 3.95 4.56
CA VAL A 136 5.46 3.73 3.30
C VAL A 136 6.11 4.55 2.18
N SER A 137 6.45 5.84 2.42
CA SER A 137 7.10 6.68 1.41
C SER A 137 8.50 6.15 1.01
N MET A 138 9.28 5.59 1.98
CA MET A 138 10.60 4.98 1.71
C MET A 138 10.45 3.75 0.81
N GLY A 139 9.42 2.93 1.07
CA GLY A 139 9.12 1.77 0.22
C GLY A 139 8.60 2.18 -1.17
N MET A 140 7.86 3.31 -1.24
CA MET A 140 7.34 3.81 -2.53
C MET A 140 8.44 4.53 -3.31
N LYS A 141 9.42 5.14 -2.59
CA LYS A 141 10.59 5.78 -3.20
C LYS A 141 11.36 4.71 -3.97
N TYR A 142 11.49 3.51 -3.36
CA TYR A 142 12.16 2.33 -3.89
C TYR A 142 11.43 1.82 -5.14
N LEU A 143 10.11 1.66 -5.04
CA LEU A 143 9.21 1.22 -6.11
C LEU A 143 9.30 2.15 -7.31
N GLU A 144 9.33 3.48 -7.05
CA GLU A 144 9.49 4.50 -8.10
C GLU A 144 10.88 4.35 -8.79
N GLU A 145 11.97 4.15 -8.00
CA GLU A 145 13.32 3.95 -8.52
C GLU A 145 13.41 2.68 -9.35
N SER A 146 12.65 1.62 -8.96
CA SER A 146 12.61 0.33 -9.64
C SER A 146 11.67 0.38 -10.86
N ASN A 147 10.98 1.53 -11.06
CA ASN A 147 10.01 1.78 -12.14
C ASN A 147 8.90 0.72 -12.14
N PHE A 148 8.27 0.55 -10.97
CA PHE A 148 7.13 -0.33 -10.77
C PHE A 148 6.04 0.56 -10.30
N VAL A 149 4.83 0.39 -10.84
CA VAL A 149 3.66 1.11 -10.39
C VAL A 149 2.85 0.16 -9.51
N HIS A 150 2.40 0.63 -8.35
CA HIS A 150 1.66 -0.21 -7.40
C HIS A 150 0.21 -0.38 -7.82
N ARG A 151 -0.44 0.75 -8.13
CA ARG A 151 -1.84 0.89 -8.57
C ARG A 151 -2.92 0.45 -7.55
N ASP A 152 -2.55 0.23 -6.27
CA ASP A 152 -3.55 -0.07 -5.24
C ASP A 152 -3.08 0.39 -3.84
N LEU A 153 -2.47 1.56 -3.80
CA LEU A 153 -1.88 2.05 -2.56
C LEU A 153 -2.90 2.65 -1.66
N ALA A 154 -3.30 1.89 -0.61
CA ALA A 154 -4.30 2.35 0.35
C ALA A 154 -3.89 1.87 1.75
N ALA A 155 -4.43 2.49 2.82
CA ALA A 155 -4.11 2.11 4.21
C ALA A 155 -4.47 0.64 4.47
N ARG A 156 -5.48 0.12 3.74
CA ARG A 156 -5.87 -1.31 3.87
C ARG A 156 -4.79 -2.23 3.27
N ASN A 157 -3.84 -1.65 2.49
CA ASN A 157 -2.76 -2.40 1.83
C ASN A 157 -1.42 -2.12 2.49
N VAL A 158 -1.46 -1.55 3.70
CA VAL A 158 -0.26 -1.32 4.51
C VAL A 158 -0.39 -2.28 5.69
N LEU A 159 0.65 -3.07 5.97
CA LEU A 159 0.60 -4.06 7.04
C LEU A 159 1.63 -3.78 8.10
N LEU A 160 1.27 -3.99 9.37
CA LEU A 160 2.16 -3.69 10.49
C LEU A 160 2.87 -4.93 11.01
N VAL A 161 4.20 -4.84 11.08
CA VAL A 161 5.06 -5.90 11.62
C VAL A 161 5.03 -5.59 13.11
N THR A 162 5.26 -4.32 13.46
CA THR A 162 5.13 -3.79 14.82
C THR A 162 4.35 -2.46 14.70
N GLN A 163 4.07 -1.82 15.85
CA GLN A 163 3.39 -0.53 15.94
C GLN A 163 4.27 0.59 15.34
N HIS A 164 5.55 0.29 15.06
CA HIS A 164 6.57 1.19 14.51
C HIS A 164 7.24 0.60 13.28
N TYR A 165 6.61 -0.35 12.59
CA TYR A 165 7.18 -0.98 11.40
C TYR A 165 6.10 -1.35 10.37
N ALA A 166 5.95 -0.50 9.34
CA ALA A 166 4.99 -0.68 8.23
C ALA A 166 5.66 -1.29 6.98
N LYS A 167 4.88 -2.05 6.20
CA LYS A 167 5.27 -2.69 4.94
C LYS A 167 4.10 -2.59 3.96
N ILE A 168 4.42 -2.40 2.69
CA ILE A 168 3.44 -2.27 1.61
C ILE A 168 3.14 -3.66 1.10
N SER A 169 1.86 -4.00 0.98
CA SER A 169 1.46 -5.29 0.47
C SER A 169 0.57 -5.11 -0.78
N ASP A 170 0.00 -6.20 -1.27
CA ASP A 170 -0.98 -6.26 -2.37
C ASP A 170 -0.45 -5.73 -3.69
N PHE A 171 0.28 -6.59 -4.41
CA PHE A 171 0.92 -6.28 -5.68
C PHE A 171 0.16 -6.89 -6.87
N GLY A 172 -1.11 -7.21 -6.67
CA GLY A 172 -2.01 -7.78 -7.67
C GLY A 172 -2.34 -6.91 -8.87
N LEU A 173 -2.34 -5.58 -8.70
CA LEU A 173 -2.56 -4.61 -9.78
C LEU A 173 -1.24 -3.95 -10.26
N SER A 174 -0.11 -4.29 -9.61
CA SER A 174 1.21 -3.75 -9.88
C SER A 174 1.80 -4.09 -11.25
N LYS A 175 2.49 -3.11 -11.86
CA LYS A 175 3.09 -3.28 -13.17
C LYS A 175 4.53 -2.83 -13.22
N ALA A 176 5.36 -3.58 -13.96
CA ALA A 176 6.73 -3.20 -14.27
C ALA A 176 6.60 -2.30 -15.53
N LEU A 177 7.01 -1.04 -15.41
CA LEU A 177 6.94 -0.08 -16.51
C LEU A 177 7.89 -0.48 -17.63
N ARG A 178 7.42 -0.32 -18.88
CA ARG A 178 8.17 -0.57 -20.09
C ARG A 178 9.35 0.37 -20.08
N ALA A 179 10.51 -0.06 -20.64
CA ALA A 179 11.73 0.77 -20.70
C ALA A 179 11.55 2.13 -21.37
N ASP A 180 10.56 2.25 -22.26
CA ASP A 180 10.30 3.46 -23.04
C ASP A 180 9.10 4.32 -22.58
N GLU A 181 8.40 3.91 -21.50
CA GLU A 181 7.20 4.63 -20.99
C GLU A 181 7.29 4.92 -19.49
N ASN A 182 6.84 6.12 -19.08
CA ASN A 182 6.79 6.54 -17.66
C ASN A 182 5.43 6.18 -17.00
N TYR A 183 4.53 5.56 -17.79
CA TYR A 183 3.21 5.18 -17.31
C TYR A 183 2.75 3.84 -17.89
N TYR A 184 1.74 3.25 -17.26
CA TYR A 184 1.06 2.04 -17.68
C TYR A 184 -0.34 2.47 -18.13
N LYS A 185 -0.72 2.08 -19.37
CA LYS A 185 -2.02 2.37 -19.93
C LYS A 185 -2.94 1.15 -19.76
N ALA A 186 -4.00 1.30 -18.96
CA ALA A 186 -4.96 0.22 -18.71
C ALA A 186 -5.94 0.08 -19.90
N GLN A 187 -6.09 -1.15 -20.40
CA GLN A 187 -7.01 -1.50 -21.49
C GLN A 187 -8.27 -2.07 -20.82
N THR A 188 -9.34 -1.23 -20.75
CA THR A 188 -10.64 -1.46 -20.06
C THR A 188 -10.50 -1.14 -18.56
N HIS A 189 -11.42 -0.29 -18.02
CA HIS A 189 -11.46 0.17 -16.63
C HIS A 189 -11.62 -0.96 -15.60
N LYS A 191 -13.39 -3.93 -11.29
CA LYS A 191 -13.64 -2.89 -10.30
C LYS A 191 -12.41 -2.05 -10.01
N TRP A 192 -12.60 -0.72 -9.82
CA TRP A 192 -11.51 0.23 -9.53
C TRP A 192 -11.72 1.02 -8.21
N PRO A 193 -10.70 1.09 -7.31
CA PRO A 193 -10.85 1.91 -6.08
C PRO A 193 -10.66 3.41 -6.37
N VAL A 194 -11.64 3.99 -7.08
CA VAL A 194 -11.71 5.37 -7.60
C VAL A 194 -11.41 6.44 -6.54
N LYS A 195 -11.84 6.23 -5.28
CA LYS A 195 -11.54 7.19 -4.21
C LYS A 195 -10.03 7.36 -3.98
N TRP A 196 -9.22 6.41 -4.41
CA TRP A 196 -7.75 6.47 -4.29
C TRP A 196 -7.06 6.85 -5.61
N TYR A 197 -7.81 6.90 -6.73
CA TYR A 197 -7.27 7.13 -8.06
C TYR A 197 -7.12 8.60 -8.44
N ALA A 198 -5.97 8.93 -9.03
CA ALA A 198 -5.63 10.26 -9.51
C ALA A 198 -6.54 10.63 -10.72
N PRO A 199 -6.76 11.92 -11.04
CA PRO A 199 -7.64 12.27 -12.18
C PRO A 199 -7.19 11.71 -13.52
N GLU A 200 -5.86 11.61 -13.78
CA GLU A 200 -5.36 11.04 -15.05
C GLU A 200 -5.68 9.55 -15.18
N CYS A 201 -5.85 8.84 -14.04
CA CYS A 201 -6.23 7.41 -13.99
C CYS A 201 -7.67 7.29 -14.50
N ILE A 202 -8.54 8.19 -14.03
CA ILE A 202 -9.96 8.23 -14.36
C ILE A 202 -10.16 8.66 -15.81
N ASN A 203 -9.51 9.78 -16.20
CA ASN A 203 -9.66 10.45 -17.48
C ASN A 203 -8.89 9.84 -18.62
N TYR A 204 -7.68 9.34 -18.39
CA TYR A 204 -6.84 8.80 -19.48
C TYR A 204 -6.40 7.34 -19.30
N TYR A 205 -6.86 6.65 -18.22
CA TYR A 205 -6.47 5.26 -17.86
C TYR A 205 -4.93 5.11 -17.71
N LYS A 206 -4.25 6.21 -17.33
CA LYS A 206 -2.80 6.28 -17.20
C LYS A 206 -2.33 6.17 -15.73
N PHE A 207 -1.49 5.17 -15.46
CA PHE A 207 -0.98 4.83 -14.14
C PHE A 207 0.52 4.98 -14.10
N SER A 208 1.00 5.90 -13.30
CA SER A 208 2.43 6.20 -13.16
C SER A 208 2.78 6.25 -11.67
N SER A 209 4.07 6.44 -11.33
CA SER A 209 4.48 6.59 -9.93
C SER A 209 3.83 7.85 -9.33
N LYS A 210 3.59 8.88 -10.17
CA LYS A 210 2.92 10.12 -9.76
C LYS A 210 1.45 9.90 -9.43
N SER A 211 0.81 8.90 -10.04
CA SER A 211 -0.55 8.57 -9.62
C SER A 211 -0.51 7.78 -8.32
N ASP A 212 0.61 7.05 -8.07
CA ASP A 212 0.79 6.36 -6.79
C ASP A 212 0.97 7.44 -5.69
N VAL A 213 1.62 8.60 -6.03
CA VAL A 213 1.77 9.77 -5.13
C VAL A 213 0.36 10.26 -4.73
N TRP A 214 -0.59 10.35 -5.70
CA TRP A 214 -1.97 10.73 -5.41
C TRP A 214 -2.58 9.79 -4.38
N SER A 215 -2.55 8.45 -4.64
CA SER A 215 -3.07 7.42 -3.71
C SER A 215 -2.41 7.55 -2.33
N PHE A 216 -1.07 7.85 -2.28
CA PHE A 216 -0.33 8.00 -1.01
C PHE A 216 -0.92 9.17 -0.18
N GLY A 217 -1.41 10.23 -0.85
CA GLY A 217 -2.05 11.38 -0.21
C GLY A 217 -3.31 10.96 0.52
N VAL A 218 -4.10 10.11 -0.14
CA VAL A 218 -5.36 9.54 0.40
C VAL A 218 -5.02 8.61 1.58
N LEU A 219 -3.93 7.84 1.43
CA LEU A 219 -3.36 6.95 2.44
C LEU A 219 -2.99 7.77 3.69
N MET A 220 -2.31 8.92 3.50
CA MET A 220 -1.90 9.83 4.58
C MET A 220 -3.15 10.33 5.31
N TRP A 221 -4.19 10.75 4.55
CA TRP A 221 -5.46 11.21 5.09
C TRP A 221 -6.08 10.10 5.94
N GLU A 222 -6.11 8.85 5.43
CA GLU A 222 -6.69 7.73 6.18
C GLU A 222 -5.98 7.47 7.50
N ALA A 223 -4.62 7.51 7.50
CA ALA A 223 -3.79 7.23 8.65
C ALA A 223 -3.99 8.26 9.75
N PHE A 224 -3.95 9.55 9.41
CA PHE A 224 -4.22 10.68 10.30
C PHE A 224 -5.69 10.72 10.77
N SER A 225 -6.64 10.10 10.02
CA SER A 225 -8.06 9.98 10.39
C SER A 225 -8.31 8.65 11.13
N TYR A 226 -7.23 7.97 11.54
CA TYR A 226 -7.26 6.71 12.29
C TYR A 226 -8.09 5.61 11.60
N GLY A 227 -7.81 5.39 10.32
CA GLY A 227 -8.43 4.35 9.53
C GLY A 227 -9.84 4.62 9.06
N GLN A 228 -10.29 5.89 9.13
CA GLN A 228 -11.60 6.30 8.64
C GLN A 228 -11.57 6.26 7.11
N LYS A 229 -12.69 5.91 6.48
CA LYS A 229 -12.75 5.83 5.02
C LYS A 229 -12.77 7.24 4.37
N PRO A 230 -12.06 7.45 3.25
CA PRO A 230 -12.08 8.78 2.62
C PRO A 230 -13.39 9.05 1.89
N TYR A 231 -13.72 10.34 1.65
CA TYR A 231 -14.92 10.79 0.92
C TYR A 231 -16.16 10.06 1.46
N ARG A 232 -16.30 10.05 2.80
CA ARG A 232 -17.39 9.41 3.54
C ARG A 232 -18.75 9.76 2.91
N GLY A 233 -19.57 8.73 2.67
CA GLY A 233 -20.92 8.84 2.14
C GLY A 233 -21.08 9.33 0.70
N MET A 234 -19.96 9.44 -0.04
CA MET A 234 -19.92 9.94 -1.42
C MET A 234 -19.76 8.85 -2.48
N LYS A 235 -20.38 9.04 -3.65
CA LYS A 235 -20.25 8.12 -4.80
C LYS A 235 -18.98 8.49 -5.56
N GLY A 236 -18.45 7.52 -6.31
CA GLY A 236 -17.27 7.69 -7.16
C GLY A 236 -17.39 8.91 -8.05
N SER A 237 -18.56 9.07 -8.71
CA SER A 237 -18.89 10.21 -9.58
C SER A 237 -18.92 11.55 -8.82
N GLU A 238 -19.46 11.54 -7.58
CA GLU A 238 -19.48 12.72 -6.70
C GLU A 238 -18.05 13.10 -6.29
N VAL A 239 -17.14 12.10 -6.12
CA VAL A 239 -15.73 12.35 -5.79
C VAL A 239 -15.06 13.07 -6.99
N THR A 240 -15.26 12.54 -8.20
CA THR A 240 -14.73 13.12 -9.45
C THR A 240 -15.22 14.56 -9.60
N ALA A 241 -16.54 14.78 -9.37
CA ALA A 241 -17.15 16.10 -9.43
C ALA A 241 -16.55 17.07 -8.40
N MET A 242 -16.27 16.59 -7.16
CA MET A 242 -15.67 17.37 -6.06
C MET A 242 -14.23 17.80 -6.41
N LEU A 243 -13.41 16.84 -6.88
CA LEU A 243 -12.01 17.05 -7.28
C LEU A 243 -11.88 18.00 -8.45
N GLU A 244 -12.84 17.93 -9.39
CA GLU A 244 -12.94 18.79 -10.56
C GLU A 244 -13.19 20.27 -10.21
N LYS A 245 -13.91 20.54 -9.11
CA LYS A 245 -14.17 21.89 -8.57
C LYS A 245 -12.96 22.43 -7.77
N GLY A 246 -11.87 21.64 -7.68
CA GLY A 246 -10.66 21.99 -6.93
C GLY A 246 -10.78 21.74 -5.43
N GLU A 247 -11.86 21.07 -5.01
CA GLU A 247 -12.11 20.73 -3.61
C GLU A 247 -11.35 19.47 -3.22
N ARG A 248 -10.78 19.49 -2.02
CA ARG A 248 -10.00 18.41 -1.40
C ARG A 248 -10.53 18.10 0.00
N MET A 249 -10.26 16.87 0.52
CA MET A 249 -10.69 16.49 1.87
C MET A 249 -9.97 17.42 2.86
N GLY A 250 -10.66 17.78 3.94
CA GLY A 250 -10.14 18.66 4.98
C GLY A 250 -9.09 18.02 5.88
N CYS A 251 -8.48 18.84 6.74
CA CYS A 251 -7.44 18.41 7.67
C CYS A 251 -8.02 17.55 8.80
N PRO A 252 -7.55 16.28 8.97
CA PRO A 252 -8.07 15.45 10.08
C PRO A 252 -7.76 16.05 11.45
N ALA A 253 -8.62 15.78 12.46
CA ALA A 253 -8.41 16.32 13.82
C ALA A 253 -7.06 15.87 14.37
N GLY A 254 -6.29 16.84 14.84
CA GLY A 254 -4.96 16.61 15.41
C GLY A 254 -3.85 16.49 14.41
N CYS A 255 -4.17 16.44 13.08
CA CYS A 255 -3.15 16.32 12.04
C CYS A 255 -2.37 17.63 11.91
N PRO A 256 -1.01 17.61 12.02
CA PRO A 256 -0.24 18.86 11.89
C PRO A 256 -0.39 19.49 10.52
N ARG A 257 -0.33 20.83 10.47
CA ARG A 257 -0.44 21.66 9.27
C ARG A 257 0.51 21.17 8.16
N GLU A 258 1.78 20.88 8.52
CA GLU A 258 2.84 20.41 7.63
C GLU A 258 2.49 19.10 6.89
N MET A 259 1.80 18.18 7.59
CA MET A 259 1.34 16.91 7.07
C MET A 259 0.14 17.07 6.18
N TYR A 260 -0.78 17.98 6.54
CA TYR A 260 -1.93 18.26 5.70
C TYR A 260 -1.52 18.97 4.39
N ASP A 261 -0.46 19.83 4.46
CA ASP A 261 0.10 20.52 3.30
C ASP A 261 0.72 19.51 2.31
N LEU A 262 1.33 18.43 2.84
CA LEU A 262 1.94 17.36 2.03
C LEU A 262 0.89 16.55 1.28
N MET A 263 -0.22 16.22 1.98
CA MET A 263 -1.40 15.53 1.46
C MET A 263 -1.92 16.31 0.26
N ASN A 264 -2.13 17.64 0.45
CA ASN A 264 -2.60 18.55 -0.59
C ASN A 264 -1.68 18.58 -1.80
N LEU A 265 -0.35 18.59 -1.56
CA LEU A 265 0.67 18.55 -2.59
C LEU A 265 0.61 17.20 -3.36
N CYS A 266 0.28 16.06 -2.67
CA CYS A 266 0.13 14.75 -3.36
C CYS A 266 -1.11 14.84 -4.23
N TRP A 267 -2.08 15.70 -3.85
CA TRP A 267 -3.34 15.92 -4.56
C TRP A 267 -3.28 17.04 -5.62
N THR A 268 -2.08 17.31 -6.20
CA THR A 268 -1.92 18.25 -7.31
C THR A 268 -2.59 17.60 -8.53
N TYR A 269 -3.51 18.31 -9.17
CA TYR A 269 -4.25 17.80 -10.32
C TYR A 269 -3.32 17.48 -11.49
N ASP A 270 -2.43 18.43 -11.86
CA ASP A 270 -1.46 18.29 -12.94
C ASP A 270 -0.33 17.35 -12.54
N VAL A 271 -0.19 16.22 -13.28
CA VAL A 271 0.80 15.15 -13.08
C VAL A 271 2.23 15.72 -13.05
N GLU A 272 2.57 16.65 -13.98
CA GLU A 272 3.91 17.24 -14.10
C GLU A 272 4.33 18.04 -12.87
N ASN A 273 3.40 18.82 -12.30
CA ASN A 273 3.61 19.64 -11.10
C ASN A 273 3.50 18.83 -9.80
N ARG A 274 2.81 17.68 -9.82
CA ARG A 274 2.69 16.79 -8.64
C ARG A 274 4.07 16.27 -8.25
N PRO A 275 4.49 16.31 -6.96
CA PRO A 275 5.83 15.80 -6.63
C PRO A 275 5.94 14.28 -6.77
N GLY A 276 7.17 13.81 -6.93
CA GLY A 276 7.52 12.39 -6.99
C GLY A 276 7.80 11.90 -5.58
N PHE A 277 8.00 10.58 -5.42
CA PHE A 277 8.22 9.96 -4.13
C PHE A 277 9.53 10.35 -3.44
N ALA A 278 10.59 10.70 -4.21
CA ALA A 278 11.86 11.18 -3.64
C ALA A 278 11.64 12.52 -2.91
N ALA A 279 10.78 13.40 -3.47
CA ALA A 279 10.46 14.68 -2.83
C ALA A 279 9.47 14.49 -1.67
N VAL A 280 8.54 13.52 -1.78
CA VAL A 280 7.55 13.23 -0.74
C VAL A 280 8.25 12.63 0.49
N GLU A 281 9.14 11.65 0.26
CA GLU A 281 9.92 10.99 1.30
C GLU A 281 10.80 11.99 2.05
N LEU A 282 11.47 12.92 1.32
CA LEU A 282 12.35 13.93 1.90
C LEU A 282 11.58 14.91 2.82
N ARG A 283 10.38 15.32 2.38
CA ARG A 283 9.45 16.16 3.14
C ARG A 283 9.09 15.50 4.47
N LEU A 284 8.72 14.19 4.40
CA LEU A 284 8.35 13.37 5.56
C LEU A 284 9.51 13.06 6.47
N ARG A 285 10.68 12.74 5.90
CA ARG A 285 11.90 12.41 6.63
C ARG A 285 12.29 13.53 7.56
N ASN A 286 12.42 14.74 7.00
CA ASN A 286 12.77 15.98 7.69
C ASN A 286 11.75 16.34 8.76
N TYR A 287 10.45 16.23 8.46
CA TYR A 287 9.40 16.53 9.44
C TYR A 287 9.41 15.58 10.64
N TYR A 288 9.61 14.27 10.37
CA TYR A 288 9.69 13.25 11.40
C TYR A 288 10.84 13.53 12.39
N TYR A 289 12.04 13.84 11.88
CA TYR A 289 13.18 14.15 12.73
C TYR A 289 13.01 15.47 13.47
N ASP A 290 12.24 16.42 12.88
CA ASP A 290 11.91 17.69 13.53
C ASP A 290 11.02 17.41 14.75
N VAL A 291 10.05 16.49 14.61
CA VAL A 291 9.14 16.07 15.70
C VAL A 291 9.89 15.22 16.76
N VAL A 292 10.81 14.35 16.30
CA VAL A 292 11.61 13.45 17.13
C VAL A 292 12.52 14.22 18.08
N ASN A 293 13.28 15.19 17.54
CA ASN A 293 14.18 16.02 18.34
C ASN A 293 13.43 17.01 19.23
N HIS A 294 12.21 17.43 18.82
CA HIS A 294 11.32 18.34 19.59
C HIS A 294 10.80 17.63 20.83
N HIS A 295 10.52 16.31 20.74
CA HIS A 295 10.03 15.49 21.85
C HIS A 295 11.08 15.35 22.97
N HIS A 296 12.38 15.35 22.61
CA HIS A 296 13.52 15.24 23.54
C HIS A 296 13.64 16.50 24.41
C1 LUE B . -5.62 -9.25 10.10
C2 LUE B . -5.62 -9.33 7.94
C3 LUE B . -4.32 -9.66 8.32
N6 LUE B . -1.10 -10.15 1.99
C7 LUE B . -3.11 -9.96 7.67
C8 LUE B . -0.18 -10.45 6.61
C9 LUE B . 1.61 -10.74 5.23
C10 LUE B . 0.80 -10.65 4.12
C11 LUE B . -0.56 -10.46 4.35
C12 LUE B . -1.49 -10.13 3.27
C13 LUE B . -2.87 -9.88 3.36
C14 LUE B . -3.31 -9.70 2.08
C15 LUE B . -2.16 -9.88 -0.18
C16 LUE B . -4.70 -9.30 1.67
C19 LUE B . -6.15 -9.15 6.59
C20 LUE B . -7.62 -8.77 5.09
C21 LUE B . -8.95 -8.45 4.54
N9 LUE B . -6.55 -9.11 4.47
N8 LUE B . -5.57 -9.34 5.46
O LUE B . -7.46 -8.78 6.45
N LUE B . -6.40 -9.09 9.05
C6 LUE B . -1.97 -10.19 8.39
C5 LUE B . -2.05 -10.21 9.84
C4 LUE B . -3.22 -9.90 10.46
N1 LUE B . -4.35 -9.62 9.71
C LUE B . -6.05 -9.12 11.52
N2 LUE B . -0.67 -10.48 7.90
N4 LUE B . -1.06 -10.34 5.60
N3 LUE B . 1.15 -10.64 6.49
N5 LUE B . -2.24 -9.92 1.27
N7 LUE B . -4.88 -7.85 1.45
C18 LUE B . -6.25 -7.55 1.06
C17 LUE B . -4.53 -7.08 2.66
#